data_7D2M
#
_entry.id   7D2M
#
_cell.length_a   72.451
_cell.length_b   72.451
_cell.length_c   112.517
_cell.angle_alpha   90.000
_cell.angle_beta   90.000
_cell.angle_gamma   90.000
#
_symmetry.space_group_name_H-M   'P 43 21 2'
#
loop_
_entity.id
_entity.type
_entity.pdbx_description
1 polymer 'Endoribonuclease MazF'
2 non-polymer TRIPHOSPHATE
3 non-polymer 'SULFATE ION'
4 water water
#
_entity_poly.entity_id   1
_entity_poly.type   'polypeptide(L)'
_entity_poly.pdbx_seq_one_letter_code
;MVSDYVPDAGHLVWLNFTPQAGHEQGGRRPALVLSPAAYNGVTGLMQACPVTSRAKGYPFEVTLPAHLGVSGVVLADHCR
SLDWRSRRAEQLAEAPADVLAEVRGKLGSLLGMSEKA
;
_entity_poly.pdbx_strand_id   B,C
#
loop_
_chem_comp.id
_chem_comp.type
_chem_comp.name
_chem_comp.formula
3PO non-polymer TRIPHOSPHATE 'H5 O10 P3'
SO4 non-polymer 'SULFATE ION' 'O4 S -2'
#
# COMPACT_ATOMS: atom_id res chain seq x y z
N SER A 3 -17.30 15.15 -12.52
CA SER A 3 -16.42 14.32 -13.33
C SER A 3 -16.69 12.84 -13.08
N ASP A 4 -16.79 12.07 -14.16
CA ASP A 4 -16.99 10.62 -14.07
C ASP A 4 -15.70 9.84 -14.24
N TYR A 5 -14.56 10.46 -13.93
CA TYR A 5 -13.27 9.80 -14.10
C TYR A 5 -13.09 8.71 -13.05
N VAL A 6 -12.69 7.52 -13.49
CA VAL A 6 -12.28 6.45 -12.59
C VAL A 6 -10.85 6.08 -12.98
N PRO A 7 -9.88 6.19 -12.07
CA PRO A 7 -8.49 5.82 -12.40
C PRO A 7 -8.38 4.36 -12.81
N ASP A 8 -7.47 4.11 -13.75
CA ASP A 8 -7.18 2.75 -14.21
C ASP A 8 -5.69 2.47 -14.06
N ALA A 9 -5.35 1.19 -14.09
CA ALA A 9 -3.96 0.76 -13.96
C ALA A 9 -3.08 1.40 -15.03
N GLY A 10 -1.93 1.94 -14.61
CA GLY A 10 -1.04 2.62 -15.53
C GLY A 10 -1.28 4.11 -15.68
N HIS A 11 -2.44 4.61 -15.26
CA HIS A 11 -2.67 6.04 -15.30
C HIS A 11 -1.73 6.76 -14.35
N LEU A 12 -1.28 7.93 -14.77
CA LEU A 12 -0.62 8.88 -13.88
C LEU A 12 -1.62 9.96 -13.51
N VAL A 13 -1.83 10.16 -12.22
CA VAL A 13 -2.85 11.09 -11.74
C VAL A 13 -2.20 12.06 -10.78
N TRP A 14 -2.79 13.25 -10.67
CA TRP A 14 -2.42 14.16 -9.60
C TRP A 14 -3.23 13.78 -8.38
N LEU A 15 -2.57 13.77 -7.20
CA LEU A 15 -3.20 13.26 -5.99
C LEU A 15 -2.56 13.93 -4.79
N ASN A 16 -3.35 14.11 -3.72
CA ASN A 16 -2.82 14.60 -2.46
C ASN A 16 -2.48 13.42 -1.56
N PHE A 17 -1.19 13.20 -1.31
CA PHE A 17 -0.78 12.16 -0.38
C PHE A 17 -0.83 12.62 1.06
N THR A 18 -1.20 13.86 1.30
CA THR A 18 -1.56 14.29 2.65
C THR A 18 -3.07 14.16 2.81
N PRO A 19 -3.57 13.61 3.93
CA PRO A 19 -2.92 13.26 5.20
C PRO A 19 -2.04 12.02 5.18
N GLN A 20 -0.98 12.07 5.97
CA GLN A 20 -0.06 10.97 6.16
C GLN A 20 0.52 11.09 7.56
N ALA A 21 1.37 10.12 7.94
CA ALA A 21 2.02 10.15 9.24
C ALA A 21 3.53 10.00 9.10
N GLY A 22 4.28 10.78 9.87
CA GLY A 22 5.70 10.53 10.01
C GLY A 22 6.44 10.54 8.68
N HIS A 23 7.20 9.47 8.43
CA HIS A 23 8.01 9.34 7.23
C HIS A 23 7.22 8.94 5.98
N GLU A 24 5.91 8.70 6.11
CA GLU A 24 5.11 8.40 4.92
C GLU A 24 5.15 9.57 3.94
N GLN A 25 5.10 9.24 2.65
CA GLN A 25 5.07 10.27 1.62
C GLN A 25 3.79 11.10 1.74
N GLY A 26 3.94 12.42 1.74
CA GLY A 26 2.82 13.34 1.73
C GLY A 26 2.88 14.28 0.54
N GLY A 27 1.93 15.21 0.52
CA GLY A 27 1.95 16.31 -0.43
C GLY A 27 1.24 15.98 -1.74
N ARG A 28 0.93 17.05 -2.48
CA ARG A 28 0.26 16.91 -3.77
C ARG A 28 1.32 16.68 -4.85
N ARG A 29 1.07 15.68 -5.70
CA ARG A 29 2.11 15.17 -6.59
C ARG A 29 1.48 14.15 -7.52
N PRO A 30 2.17 13.73 -8.57
CA PRO A 30 1.61 12.67 -9.41
C PRO A 30 1.69 11.32 -8.69
N ALA A 31 0.91 10.38 -9.20
CA ALA A 31 0.87 9.03 -8.67
C ALA A 31 0.66 8.06 -9.81
N LEU A 32 1.30 6.89 -9.73
CA LEU A 32 1.11 5.84 -10.71
C LEU A 32 0.11 4.84 -10.15
N VAL A 33 -1.01 4.64 -10.84
CA VAL A 33 -2.07 3.72 -10.39
C VAL A 33 -1.70 2.30 -10.79
N LEU A 34 -1.78 1.36 -9.84
CA LEU A 34 -1.46 -0.04 -10.13
C LEU A 34 -2.68 -0.94 -10.18
N SER A 35 -3.72 -0.60 -9.46
CA SER A 35 -4.93 -1.42 -9.42
C SER A 35 -5.87 -1.05 -10.57
N PRO A 36 -6.73 -1.98 -10.99
CA PRO A 36 -7.54 -1.73 -12.19
C PRO A 36 -8.80 -0.94 -11.88
N ALA A 37 -9.32 -0.29 -12.94
CA ALA A 37 -10.52 0.54 -12.78
C ALA A 37 -11.70 -0.25 -12.22
N ALA A 38 -11.82 -1.54 -12.57
CA ALA A 38 -12.92 -2.34 -12.04
C ALA A 38 -12.92 -2.36 -10.52
N TYR A 39 -11.73 -2.47 -9.91
CA TYR A 39 -11.64 -2.39 -8.45
C TYR A 39 -11.79 -0.95 -7.98
N ASN A 40 -11.09 -0.03 -8.63
CA ASN A 40 -11.08 1.35 -8.17
C ASN A 40 -12.47 1.94 -8.20
N GLY A 41 -13.26 1.56 -9.19
CA GLY A 41 -14.60 2.09 -9.33
C GLY A 41 -15.62 1.46 -8.41
N VAL A 42 -15.39 0.22 -7.96
CA VAL A 42 -16.36 -0.36 -7.03
C VAL A 42 -16.05 0.00 -5.58
N THR A 43 -14.78 0.25 -5.23
CA THR A 43 -14.42 0.56 -3.86
C THR A 43 -14.26 2.05 -3.57
N GLY A 44 -13.96 2.86 -4.58
CA GLY A 44 -13.50 4.20 -4.29
C GLY A 44 -12.09 4.27 -3.74
N LEU A 45 -11.38 3.14 -3.70
CA LEU A 45 -9.99 3.08 -3.31
C LEU A 45 -9.14 2.67 -4.50
N MET A 46 -7.83 2.88 -4.37
CA MET A 46 -6.90 2.37 -5.37
C MET A 46 -5.57 2.13 -4.71
N GLN A 47 -4.75 1.31 -5.35
CA GLN A 47 -3.36 1.17 -4.96
C GLN A 47 -2.52 2.01 -5.92
N ALA A 48 -1.79 2.99 -5.39
CA ALA A 48 -0.96 3.83 -6.25
C ALA A 48 0.33 4.20 -5.53
N CYS A 49 1.39 4.45 -6.32
CA CYS A 49 2.70 4.90 -5.86
C CYS A 49 2.90 6.38 -6.12
N PRO A 50 3.44 7.11 -5.15
CA PRO A 50 3.71 8.54 -5.39
C PRO A 50 4.90 8.74 -6.32
N VAL A 51 4.91 9.92 -6.94
CA VAL A 51 5.96 10.37 -7.83
C VAL A 51 6.62 11.60 -7.22
N THR A 52 7.95 11.68 -7.34
CA THR A 52 8.67 12.90 -7.00
C THR A 52 9.53 13.33 -8.18
N SER A 53 9.65 14.63 -8.37
CA SER A 53 10.56 15.10 -9.41
C SER A 53 11.98 15.25 -8.91
N ARG A 54 12.24 14.98 -7.64
CA ARG A 54 13.57 15.07 -7.02
C ARG A 54 13.99 13.69 -6.53
N ALA A 55 14.60 12.91 -7.41
CA ALA A 55 15.03 11.56 -7.05
C ALA A 55 16.10 11.58 -5.95
N LYS A 56 16.01 10.62 -5.03
CA LYS A 56 17.09 10.35 -4.08
C LYS A 56 18.17 9.46 -4.68
N GLY A 57 17.87 8.78 -5.79
CA GLY A 57 18.83 7.93 -6.46
C GLY A 57 18.94 6.52 -5.90
N TYR A 58 17.85 5.97 -5.39
CA TYR A 58 17.88 4.60 -4.87
C TYR A 58 17.13 3.66 -5.83
N PRO A 59 17.43 2.35 -5.79
CA PRO A 59 16.99 1.45 -6.88
C PRO A 59 15.48 1.30 -7.01
N PHE A 60 14.71 1.44 -5.94
CA PHE A 60 13.26 1.30 -6.03
C PHE A 60 12.58 2.53 -6.65
N GLU A 61 13.33 3.57 -7.00
CA GLU A 61 12.80 4.63 -7.84
C GLU A 61 12.78 4.16 -9.29
N VAL A 62 11.70 4.48 -10.00
CA VAL A 62 11.53 4.11 -11.40
C VAL A 62 11.34 5.38 -12.22
N THR A 63 12.27 5.64 -13.14
CA THR A 63 12.25 6.91 -13.87
C THR A 63 11.15 6.93 -14.91
N LEU A 64 10.40 8.04 -14.95
CA LEU A 64 9.43 8.23 -16.00
C LEU A 64 10.10 8.78 -17.26
N PRO A 65 9.73 8.28 -18.43
CA PRO A 65 10.28 8.86 -19.68
C PRO A 65 9.77 10.28 -19.90
N ALA A 66 10.59 11.06 -20.61
CA ALA A 66 10.37 12.50 -20.69
C ALA A 66 9.11 12.88 -21.47
N HIS A 67 8.71 12.08 -22.45
CA HIS A 67 7.64 12.48 -23.36
C HIS A 67 6.26 12.50 -22.69
N LEU A 68 6.15 12.11 -21.43
CA LEU A 68 4.83 11.95 -20.80
C LEU A 68 4.25 13.25 -20.28
N GLY A 69 5.06 14.28 -20.08
CA GLY A 69 4.58 15.47 -19.41
C GLY A 69 4.42 15.34 -17.91
N VAL A 70 4.96 14.27 -17.33
CA VAL A 70 4.96 14.03 -15.89
C VAL A 70 6.39 13.64 -15.56
N SER A 71 7.14 14.55 -14.95
CA SER A 71 8.57 14.34 -14.75
C SER A 71 8.83 13.74 -13.37
N GLY A 72 9.76 12.80 -13.33
CA GLY A 72 10.28 12.36 -12.04
C GLY A 72 10.41 10.86 -11.97
N VAL A 73 10.37 10.35 -10.74
CA VAL A 73 10.51 8.93 -10.48
C VAL A 73 9.31 8.45 -9.69
N VAL A 74 8.88 7.24 -9.98
CA VAL A 74 7.87 6.56 -9.17
C VAL A 74 8.55 5.92 -7.97
N LEU A 75 8.02 6.16 -6.78
CA LEU A 75 8.60 5.58 -5.57
C LEU A 75 7.88 4.26 -5.35
N ALA A 76 8.47 3.19 -5.88
CA ALA A 76 7.77 1.91 -5.92
C ALA A 76 7.47 1.39 -4.53
N ASP A 77 8.35 1.66 -3.56
CA ASP A 77 8.14 1.11 -2.22
C ASP A 77 7.10 1.88 -1.42
N HIS A 78 6.60 3.00 -1.92
CA HIS A 78 5.63 3.82 -1.19
C HIS A 78 4.20 3.60 -1.64
N CYS A 79 3.92 2.49 -2.32
CA CYS A 79 2.55 2.21 -2.75
C CYS A 79 1.61 2.16 -1.54
N ARG A 80 0.40 2.67 -1.72
CA ARG A 80 -0.58 2.44 -0.66
C ARG A 80 -2.01 2.51 -1.17
N SER A 81 -2.90 1.97 -0.35
CA SER A 81 -4.34 2.07 -0.56
C SER A 81 -4.78 3.51 -0.30
N LEU A 82 -5.42 4.14 -1.30
CA LEU A 82 -5.76 5.55 -1.27
C LEU A 82 -7.20 5.75 -1.69
N ASP A 83 -7.92 6.59 -0.94
CA ASP A 83 -9.24 7.06 -1.36
C ASP A 83 -9.02 8.14 -2.41
N TRP A 84 -9.21 7.79 -3.68
CA TRP A 84 -8.82 8.70 -4.75
C TRP A 84 -9.83 9.81 -4.99
N ARG A 85 -11.02 9.71 -4.41
CA ARG A 85 -11.94 10.84 -4.48
C ARG A 85 -11.62 11.86 -3.39
N SER A 86 -11.41 11.37 -2.17
CA SER A 86 -11.04 12.27 -1.08
C SER A 86 -9.75 13.01 -1.40
N ARG A 87 -8.78 12.33 -1.99
CA ARG A 87 -7.48 12.92 -2.32
C ARG A 87 -7.45 13.54 -3.71
N ARG A 88 -8.60 13.58 -4.39
CA ARG A 88 -8.87 14.41 -5.58
C ARG A 88 -8.01 14.04 -6.79
N ALA A 89 -8.06 12.77 -7.17
CA ALA A 89 -7.31 12.29 -8.32
C ALA A 89 -7.75 12.99 -9.60
N GLU A 90 -6.78 13.40 -10.41
CA GLU A 90 -7.02 14.01 -11.73
C GLU A 90 -6.09 13.36 -12.73
N GLN A 91 -6.61 12.85 -13.85
CA GLN A 91 -5.73 12.14 -14.78
C GLN A 91 -4.78 13.12 -15.46
N LEU A 92 -3.50 12.73 -15.52
CA LEU A 92 -2.50 13.51 -16.23
C LEU A 92 -1.95 12.84 -17.47
N ALA A 93 -1.72 11.53 -17.43
CA ALA A 93 -1.01 10.83 -18.50
C ALA A 93 -1.21 9.33 -18.32
N GLU A 94 -0.53 8.55 -19.13
CA GLU A 94 -0.55 7.10 -19.05
C GLU A 94 0.89 6.61 -19.12
N ALA A 95 1.31 5.81 -18.14
CA ALA A 95 2.68 5.33 -18.14
C ALA A 95 2.82 4.16 -19.13
N PRO A 96 3.98 4.02 -19.76
CA PRO A 96 4.18 2.89 -20.67
C PRO A 96 4.29 1.58 -19.91
N ALA A 97 4.10 0.48 -20.65
CA ALA A 97 4.03 -0.83 -20.03
C ALA A 97 5.31 -1.19 -19.29
N ASP A 98 6.48 -0.78 -19.80
CA ASP A 98 7.70 -1.19 -19.13
C ASP A 98 7.89 -0.48 -17.80
N VAL A 99 7.40 0.76 -17.68
CA VAL A 99 7.43 1.43 -16.37
C VAL A 99 6.55 0.69 -15.38
N LEU A 100 5.32 0.38 -15.80
CA LEU A 100 4.39 -0.35 -14.93
C LEU A 100 4.98 -1.69 -14.49
N ALA A 101 5.58 -2.43 -15.42
CA ALA A 101 6.13 -3.73 -15.07
C ALA A 101 7.29 -3.61 -14.09
N GLU A 102 8.15 -2.60 -14.29
CA GLU A 102 9.28 -2.40 -13.39
C GLU A 102 8.81 -2.01 -12.00
N VAL A 103 7.82 -1.13 -11.90
CA VAL A 103 7.30 -0.77 -10.58
C VAL A 103 6.72 -1.98 -9.89
N ARG A 104 5.93 -2.78 -10.62
CA ARG A 104 5.32 -3.96 -10.03
C ARG A 104 6.36 -4.97 -9.57
N GLY A 105 7.42 -5.18 -10.37
CA GLY A 105 8.45 -6.11 -9.95
C GLY A 105 9.13 -5.68 -8.67
N LYS A 106 9.42 -4.38 -8.56
CA LYS A 106 10.10 -3.88 -7.36
C LYS A 106 9.17 -3.91 -6.15
N LEU A 107 7.92 -3.46 -6.31
CA LEU A 107 6.98 -3.52 -5.20
C LEU A 107 6.71 -4.96 -4.78
N GLY A 108 6.62 -5.87 -5.74
CA GLY A 108 6.41 -7.27 -5.41
C GLY A 108 7.52 -7.83 -4.55
N SER A 109 8.77 -7.42 -4.81
CA SER A 109 9.86 -7.91 -3.98
C SER A 109 9.75 -7.34 -2.56
N LEU A 110 9.34 -6.08 -2.44
CA LEU A 110 9.11 -5.50 -1.12
C LEU A 110 8.03 -6.26 -0.36
N LEU A 111 6.96 -6.65 -1.04
CA LEU A 111 5.84 -7.30 -0.37
C LEU A 111 6.09 -8.77 -0.13
N GLY A 112 7.23 -9.30 -0.56
CA GLY A 112 7.51 -10.70 -0.32
C GLY A 112 6.84 -11.66 -1.27
N MET A 113 6.47 -11.19 -2.45
CA MET A 113 5.79 -12.05 -3.41
C MET A 113 6.83 -12.81 -4.24
N SER A 114 6.35 -13.89 -4.87
CA SER A 114 7.16 -14.78 -5.72
C SER A 114 8.29 -14.10 -6.48
N SER B 3 12.31 -0.22 23.69
CA SER B 3 11.99 -1.33 22.80
C SER B 3 12.76 -1.25 21.48
N ASP B 4 13.56 -2.27 21.21
CA ASP B 4 14.24 -2.41 19.93
C ASP B 4 13.46 -3.27 18.94
N TYR B 5 12.13 -3.34 19.10
CA TYR B 5 11.33 -4.19 18.23
C TYR B 5 11.27 -3.59 16.84
N VAL B 6 11.49 -4.45 15.84
CA VAL B 6 11.32 -4.08 14.44
C VAL B 6 10.34 -5.08 13.84
N PRO B 7 9.22 -4.65 13.29
CA PRO B 7 8.26 -5.59 12.70
C PRO B 7 8.92 -6.41 11.60
N ASP B 8 8.54 -7.67 11.49
CA ASP B 8 9.01 -8.53 10.42
C ASP B 8 7.81 -9.10 9.66
N ALA B 9 8.10 -9.67 8.48
CA ALA B 9 7.04 -10.18 7.64
C ALA B 9 6.28 -11.30 8.35
N GLY B 10 4.96 -11.23 8.33
CA GLY B 10 4.13 -12.21 9.00
C GLY B 10 3.75 -11.85 10.41
N HIS B 11 4.42 -10.88 11.02
CA HIS B 11 3.99 -10.42 12.33
C HIS B 11 2.63 -9.78 12.25
N LEU B 12 1.82 -9.99 13.29
CA LEU B 12 0.63 -9.20 13.55
C LEU B 12 0.98 -8.19 14.64
N VAL B 13 0.73 -6.90 14.36
CA VAL B 13 1.04 -5.83 15.29
C VAL B 13 -0.20 -4.98 15.49
N TRP B 14 -0.31 -4.36 16.66
CA TRP B 14 -1.27 -3.30 16.87
C TRP B 14 -0.74 -2.02 16.23
N LEU B 15 -1.60 -1.29 15.54
CA LEU B 15 -1.16 -0.10 14.81
C LEU B 15 -2.31 0.88 14.72
N ASN B 16 -2.00 2.18 14.73
CA ASN B 16 -3.02 3.20 14.49
C ASN B 16 -3.09 3.50 12.99
N PHE B 17 -4.20 3.11 12.37
CA PHE B 17 -4.38 3.42 10.96
C PHE B 17 -4.93 4.82 10.74
N THR B 18 -5.22 5.55 11.83
CA THR B 18 -5.42 6.99 11.75
C THR B 18 -4.07 7.68 11.99
N PRO B 19 -3.68 8.69 11.20
CA PRO B 19 -4.45 9.43 10.18
C PRO B 19 -4.70 8.67 8.89
N GLN B 20 -5.88 8.92 8.32
CA GLN B 20 -6.27 8.38 7.03
C GLN B 20 -7.16 9.43 6.35
N ALA B 21 -7.57 9.12 5.11
CA ALA B 21 -8.48 9.97 4.36
C ALA B 21 -9.68 9.16 3.89
N GLY B 22 -10.87 9.76 3.98
CA GLY B 22 -12.04 9.17 3.35
C GLY B 22 -12.31 7.74 3.80
N HIS B 23 -12.50 6.86 2.83
CA HIS B 23 -12.83 5.45 3.08
C HIS B 23 -11.61 4.59 3.41
N GLU B 24 -10.42 5.17 3.47
CA GLU B 24 -9.27 4.42 3.94
C GLU B 24 -9.51 3.93 5.36
N GLN B 25 -8.94 2.76 5.66
CA GLN B 25 -9.14 2.18 6.99
C GLN B 25 -8.48 3.07 8.03
N GLY B 26 -9.20 3.35 9.12
CA GLY B 26 -8.65 4.08 10.24
C GLY B 26 -8.74 3.28 11.52
N GLY B 27 -8.29 3.92 12.59
CA GLY B 27 -8.43 3.37 13.94
C GLY B 27 -7.28 2.45 14.33
N ARG B 28 -7.16 2.25 15.64
CA ARG B 28 -6.16 1.32 16.16
C ARG B 28 -6.68 -0.11 16.08
N ARG B 29 -5.88 -0.97 15.50
CA ARG B 29 -6.32 -2.32 15.16
C ARG B 29 -5.10 -3.17 14.85
N PRO B 30 -5.24 -4.49 14.75
CA PRO B 30 -4.10 -5.29 14.31
C PRO B 30 -3.79 -5.04 12.85
N ALA B 31 -2.57 -5.40 12.47
CA ALA B 31 -2.10 -5.27 11.10
C ALA B 31 -1.17 -6.43 10.78
N LEU B 32 -1.30 -6.98 9.58
CA LEU B 32 -0.42 -8.04 9.12
C LEU B 32 0.72 -7.42 8.31
N VAL B 33 1.97 -7.63 8.77
CA VAL B 33 3.14 -7.01 8.12
C VAL B 33 3.58 -7.87 6.95
N LEU B 34 3.76 -7.27 5.77
CA LEU B 34 4.20 -8.03 4.60
C LEU B 34 5.66 -7.81 4.26
N SER B 35 6.19 -6.65 4.53
CA SER B 35 7.57 -6.38 4.16
C SER B 35 8.52 -6.88 5.26
N PRO B 36 9.77 -7.17 4.91
CA PRO B 36 10.67 -7.79 5.89
C PRO B 36 11.35 -6.77 6.80
N ALA B 37 11.80 -7.27 7.96
CA ALA B 37 12.43 -6.41 8.95
C ALA B 37 13.63 -5.66 8.38
N ALA B 38 14.34 -6.25 7.42
CA ALA B 38 15.50 -5.56 6.85
C ALA B 38 15.10 -4.25 6.19
N TYR B 39 13.96 -4.25 5.48
CA TYR B 39 13.45 -2.97 4.95
C TYR B 39 12.85 -2.13 6.07
N ASN B 40 12.02 -2.74 6.91
CA ASN B 40 11.29 -1.96 7.91
C ASN B 40 12.24 -1.24 8.86
N GLY B 41 13.39 -1.87 9.15
CA GLY B 41 14.33 -1.29 10.08
C GLY B 41 15.24 -0.24 9.48
N VAL B 42 15.47 -0.28 8.18
CA VAL B 42 16.33 0.73 7.57
C VAL B 42 15.53 1.96 7.13
N THR B 43 14.20 1.86 7.02
CA THR B 43 13.37 2.98 6.60
C THR B 43 12.45 3.52 7.69
N GLY B 44 12.15 2.76 8.73
CA GLY B 44 11.09 3.20 9.61
C GLY B 44 9.71 3.05 9.02
N LEU B 45 9.58 2.43 7.84
CA LEU B 45 8.31 2.22 7.17
C LEU B 45 8.09 0.73 7.02
N MET B 46 6.83 0.34 6.80
CA MET B 46 6.54 -1.04 6.44
C MET B 46 5.32 -1.06 5.54
N GLN B 47 5.14 -2.17 4.85
CA GLN B 47 3.90 -2.44 4.11
C GLN B 47 3.09 -3.40 4.96
N ALA B 48 1.87 -3.00 5.31
CA ALA B 48 1.05 -3.86 6.17
C ALA B 48 -0.43 -3.68 5.83
N CYS B 49 -1.22 -4.72 6.13
CA CYS B 49 -2.66 -4.79 5.88
C CYS B 49 -3.43 -4.69 7.19
N PRO B 50 -4.46 -3.86 7.26
CA PRO B 50 -5.25 -3.76 8.50
C PRO B 50 -6.14 -4.97 8.69
N VAL B 51 -6.49 -5.21 9.95
CA VAL B 51 -7.39 -6.27 10.37
C VAL B 51 -8.66 -5.61 10.90
N THR B 52 -9.82 -6.15 10.54
CA THR B 52 -11.07 -5.61 11.03
C THR B 52 -11.93 -6.71 11.61
N SER B 53 -12.71 -6.37 12.64
CA SER B 53 -13.75 -7.26 13.12
C SER B 53 -15.06 -7.11 12.34
N ARG B 54 -15.18 -6.10 11.49
CA ARG B 54 -16.40 -5.87 10.73
C ARG B 54 -16.27 -6.52 9.34
N ALA B 55 -16.15 -7.84 9.37
CA ALA B 55 -15.97 -8.62 8.14
C ALA B 55 -17.24 -8.61 7.31
N LYS B 56 -17.10 -8.31 6.02
CA LYS B 56 -18.22 -8.41 5.10
C LYS B 56 -18.27 -9.76 4.39
N GLY B 57 -17.27 -10.61 4.60
CA GLY B 57 -17.27 -11.96 4.10
C GLY B 57 -16.71 -12.12 2.69
N TYR B 58 -16.19 -11.06 2.09
CA TYR B 58 -15.72 -11.12 0.72
C TYR B 58 -14.36 -11.79 0.63
N PRO B 59 -14.01 -12.30 -0.57
CA PRO B 59 -12.78 -13.10 -0.69
C PRO B 59 -11.49 -12.36 -0.35
N PHE B 60 -11.46 -11.04 -0.46
CA PHE B 60 -10.23 -10.33 -0.13
C PHE B 60 -10.03 -10.18 1.38
N GLU B 61 -10.99 -10.61 2.20
CA GLU B 61 -10.80 -10.74 3.64
C GLU B 61 -10.24 -12.13 3.93
N VAL B 62 -9.11 -12.18 4.61
CA VAL B 62 -8.44 -13.45 4.94
C VAL B 62 -8.60 -13.71 6.44
N THR B 63 -9.21 -14.84 6.77
CA THR B 63 -9.51 -15.11 8.16
C THR B 63 -8.24 -15.48 8.93
N LEU B 64 -8.22 -15.09 10.20
CA LEU B 64 -7.14 -15.49 11.10
C LEU B 64 -7.58 -16.68 11.94
N PRO B 65 -6.78 -17.75 12.04
CA PRO B 65 -7.17 -18.88 12.87
C PRO B 65 -7.34 -18.47 14.33
N ALA B 66 -8.31 -19.10 14.99
CA ALA B 66 -8.72 -18.67 16.32
C ALA B 66 -7.59 -18.79 17.35
N HIS B 67 -6.66 -19.73 17.14
CA HIS B 67 -5.63 -19.97 18.15
C HIS B 67 -4.64 -18.83 18.27
N LEU B 68 -4.61 -17.90 17.31
CA LEU B 68 -3.70 -16.76 17.43
C LEU B 68 -4.12 -15.77 18.49
N GLY B 69 -5.41 -15.75 18.86
CA GLY B 69 -5.88 -14.76 19.81
C GLY B 69 -6.02 -13.36 19.25
N VAL B 70 -6.21 -13.25 17.93
CA VAL B 70 -6.40 -11.96 17.27
C VAL B 70 -7.72 -12.03 16.52
N SER B 71 -8.68 -11.19 16.93
CA SER B 71 -10.00 -11.21 16.31
C SER B 71 -9.96 -10.53 14.94
N GLY B 72 -10.74 -11.06 14.01
CA GLY B 72 -11.05 -10.36 12.78
C GLY B 72 -10.39 -10.99 11.56
N VAL B 73 -10.46 -10.25 10.45
CA VAL B 73 -9.98 -10.71 9.16
C VAL B 73 -8.97 -9.70 8.62
N VAL B 74 -8.01 -10.18 7.84
CA VAL B 74 -7.05 -9.30 7.17
C VAL B 74 -7.67 -8.74 5.89
N LEU B 75 -7.61 -7.42 5.73
CA LEU B 75 -8.12 -6.78 4.52
C LEU B 75 -6.96 -6.73 3.53
N ALA B 76 -6.87 -7.76 2.67
CA ALA B 76 -5.68 -7.91 1.84
C ALA B 76 -5.52 -6.74 0.87
N ASP B 77 -6.62 -6.18 0.38
CA ASP B 77 -6.56 -5.08 -0.58
C ASP B 77 -6.21 -3.73 0.06
N HIS B 78 -6.18 -3.63 1.39
CA HIS B 78 -5.95 -2.36 2.07
C HIS B 78 -4.51 -2.14 2.48
N CYS B 79 -3.58 -2.88 1.88
CA CYS B 79 -2.17 -2.76 2.24
C CYS B 79 -1.68 -1.35 2.02
N ARG B 80 -0.87 -0.84 2.95
CA ARG B 80 -0.25 0.44 2.65
C ARG B 80 1.10 0.60 3.34
N SER B 81 1.87 1.54 2.80
CA SER B 81 3.10 2.01 3.41
C SER B 81 2.77 2.80 4.67
N LEU B 82 3.37 2.39 5.79
CA LEU B 82 3.03 2.91 7.11
C LEU B 82 4.29 3.20 7.90
N ASP B 83 4.35 4.38 8.52
CA ASP B 83 5.38 4.70 9.50
C ASP B 83 5.00 4.01 10.80
N TRP B 84 5.67 2.90 11.10
CA TRP B 84 5.21 2.06 12.19
C TRP B 84 5.66 2.56 13.55
N ARG B 85 6.57 3.51 13.59
CA ARG B 85 6.88 4.13 14.87
C ARG B 85 5.90 5.25 15.18
N SER B 86 5.57 6.08 14.19
CA SER B 86 4.60 7.15 14.41
C SER B 86 3.24 6.58 14.79
N ARG B 87 2.85 5.47 14.17
CA ARG B 87 1.58 4.81 14.40
C ARG B 87 1.66 3.77 15.52
N ARG B 88 2.81 3.71 16.23
CA ARG B 88 2.95 3.01 17.50
C ARG B 88 2.72 1.51 17.40
N ALA B 89 3.43 0.86 16.48
CA ALA B 89 3.33 -0.59 16.34
C ALA B 89 3.73 -1.29 17.63
N GLU B 90 2.98 -2.33 17.99
CA GLU B 90 3.28 -3.16 19.15
C GLU B 90 3.04 -4.61 18.74
N GLN B 91 4.02 -5.49 18.96
CA GLN B 91 3.83 -6.85 18.46
C GLN B 91 2.72 -7.56 19.22
N LEU B 92 1.96 -8.36 18.49
CA LEU B 92 0.79 -9.04 19.00
C LEU B 92 0.87 -10.55 18.81
N ALA B 93 1.29 -11.00 17.64
CA ALA B 93 1.29 -12.41 17.30
C ALA B 93 2.08 -12.60 16.01
N GLU B 94 2.10 -13.83 15.51
CA GLU B 94 2.67 -14.16 14.22
C GLU B 94 1.66 -14.97 13.43
N ALA B 95 1.39 -14.56 12.19
CA ALA B 95 0.45 -15.30 11.37
C ALA B 95 1.12 -16.53 10.78
N PRO B 96 0.35 -17.61 10.56
CA PRO B 96 0.92 -18.79 9.89
C PRO B 96 1.25 -18.48 8.45
N ALA B 97 2.15 -19.31 7.90
CA ALA B 97 2.63 -19.07 6.55
C ALA B 97 1.51 -19.08 5.53
N ASP B 98 0.47 -19.92 5.73
CA ASP B 98 -0.58 -19.99 4.71
C ASP B 98 -1.44 -18.74 4.69
N VAL B 99 -1.62 -18.08 5.84
CA VAL B 99 -2.32 -16.80 5.86
C VAL B 99 -1.52 -15.75 5.10
N LEU B 100 -0.21 -15.68 5.37
CA LEU B 100 0.65 -14.73 4.68
C LEU B 100 0.62 -14.96 3.19
N ALA B 101 0.69 -16.23 2.75
CA ALA B 101 0.68 -16.53 1.33
C ALA B 101 -0.66 -16.17 0.69
N GLU B 102 -1.77 -16.42 1.39
CA GLU B 102 -3.07 -16.09 0.83
C GLU B 102 -3.24 -14.59 0.68
N VAL B 103 -2.83 -13.82 1.68
CA VAL B 103 -2.92 -12.37 1.59
C VAL B 103 -2.07 -11.86 0.43
N ARG B 104 -0.83 -12.37 0.33
CA ARG B 104 0.04 -11.93 -0.76
C ARG B 104 -0.53 -12.28 -2.13
N GLY B 105 -1.10 -13.48 -2.29
CA GLY B 105 -1.68 -13.83 -3.57
C GLY B 105 -2.81 -12.90 -3.98
N LYS B 106 -3.66 -12.55 -3.02
CA LYS B 106 -4.80 -11.69 -3.33
C LYS B 106 -4.35 -10.25 -3.58
N LEU B 107 -3.46 -9.73 -2.73
CA LEU B 107 -2.93 -8.39 -2.99
C LEU B 107 -2.19 -8.33 -4.32
N GLY B 108 -1.45 -9.39 -4.65
CA GLY B 108 -0.76 -9.41 -5.93
C GLY B 108 -1.71 -9.31 -7.11
N SER B 109 -2.86 -10.01 -7.01
CA SER B 109 -3.89 -9.88 -8.02
C SER B 109 -4.35 -8.44 -8.16
N LEU B 110 -4.56 -7.77 -7.02
CA LEU B 110 -5.01 -6.38 -7.05
C LEU B 110 -3.98 -5.48 -7.73
N LEU B 111 -2.70 -5.70 -7.45
CA LEU B 111 -1.64 -4.83 -7.94
C LEU B 111 -1.27 -5.12 -9.39
N GLY B 112 -1.87 -6.13 -10.00
CA GLY B 112 -1.59 -6.44 -11.39
C GLY B 112 -0.33 -7.25 -11.60
N MET B 113 0.11 -7.98 -10.60
CA MET B 113 1.36 -8.75 -10.71
C MET B 113 1.15 -10.11 -11.40
PG 3PO C . 8.21 16.92 -5.87
O1G 3PO C . 7.04 17.87 -5.75
O2G 3PO C . 8.89 17.12 -7.20
O3G 3PO C . 7.69 15.51 -5.78
PB 3PO C . 8.96 16.36 -3.14
O1B 3PO C . 7.51 16.70 -2.88
O2B 3PO C . 9.12 14.86 -3.30
O3B 3PO C . 9.28 17.11 -4.59
PA 3PO C . 9.03 16.60 -0.29
O1A 3PO C . 7.71 17.32 -0.24
O2A 3PO C . 8.75 15.14 -0.03
O3A 3PO C . 9.76 16.82 -1.78
O5' 3PO C . 9.91 17.21 0.78
S SO4 D . -2.75 20.46 2.13
O1 SO4 D . -3.38 19.18 2.48
O2 SO4 D . -3.78 21.44 1.78
O3 SO4 D . -1.98 20.96 3.27
O4 SO4 D . -1.84 20.30 1.00
S SO4 E . -13.34 -2.47 14.04
O1 SO4 E . -14.67 -2.81 14.56
O2 SO4 E . -13.51 -1.61 12.87
O3 SO4 E . -12.61 -1.75 15.09
O4 SO4 E . -12.60 -3.68 13.71
#